data_9OON
#
_entry.id   9OON
#
_cell.length_a   166.635
_cell.length_b   54.816
_cell.length_c   119.237
_cell.angle_alpha   90.00
_cell.angle_beta   129.28
_cell.angle_gamma   90.00
#
_symmetry.space_group_name_H-M   'C 1 2 1'
#
loop_
_entity.id
_entity.type
_entity.pdbx_description
1 polymer "Bis(5'-nucleosyl)-tetraphosphatase [symmetrical]"
2 non-polymer '[[(2~{R},3~{S},4~{R},5~{R})-5-(6-aminopurin-9-yl)-3,4-bis(oxidanyl)oxolan-2-yl]methoxy-oxidanyl-phosphoryl] [[[(2~{R},3~{S},4~{R},5~{R})-5-(2-azanyl-6-oxidanylidene-1~{H}-purin-9-yl)-3,4-bis(oxidanyl)oxolan-2-yl]methoxy-oxidanyl-phosphoryl]oxy-oxidanyl-phosphoryl] hydrogen phosphate'
3 non-polymer 'MANGANESE (II) ION'
4 non-polymer 'MAGNESIUM ION'
5 non-polymer '4-(2-HYDROXYETHYL)-1-PIPERAZINE ETHANESULFONIC ACID'
6 water water
#
_entity_poly.entity_id   1
_entity_poly.type   'polypeptide(L)'
_entity_poly.pdbx_seq_one_letter_code
;MATYLIGDVHGCYDELIALLHKVEFTPGKDTLWLTGDLVARGPGSLDVLRYVKSLGDSVRLVLGNHDLHLLAVFAGISRN
KPKDRLTPLLEAPDADELLNWLRRQPLLQIDEEKKLVMAHAGITPQWDLQTAKECARDVEAVLSSDSYPFFLDAMYGDMP
NNWSPELRGLGRLRFITNAFTRMRFCFPNGQLDMYSKESPEEAPAPLKPWFAIPGPVAEEYSIAFGHWASLEGKGTPEGI
YALDTGCCWGGTLTCLRWEDKQYFVQPSNRHKDLGEAAASHHHHHH
;
_entity_poly.pdbx_strand_id   A,B
#
loop_
_chem_comp.id
_chem_comp.type
_chem_comp.name
_chem_comp.formula
A1IF9 non-polymer '[[(2~{R},3~{S},4~{R},5~{R})-5-(6-aminopurin-9-yl)-3,4-bis(oxidanyl)oxolan-2-yl]methoxy-oxidanyl-phosphoryl] [[[(2~{R},3~{S},4~{R},5~{R})-5-(2-azanyl-6-oxidanylidene-1~{H}-purin-9-yl)-3,4-bis(oxidanyl)oxolan-2-yl]methoxy-oxidanyl-phosphoryl]oxy-oxidanyl-phosphoryl] hydrogen phosphate' 'C20 H28 N10 O20 P4'
EPE non-polymer '4-(2-HYDROXYETHYL)-1-PIPERAZINE ETHANESULFONIC ACID' 'C8 H18 N2 O4 S'
MG non-polymer 'MAGNESIUM ION' 'Mg 2'
MN non-polymer 'MANGANESE (II) ION' 'Mn 2'
#
# COMPACT_ATOMS: atom_id res chain seq x y z
N ALA A 2 3.86 -29.64 -23.16
CA ALA A 2 4.20 -28.22 -23.20
C ALA A 2 4.47 -27.66 -21.79
N THR A 3 5.13 -26.50 -21.76
CA THR A 3 5.54 -25.85 -20.52
C THR A 3 4.86 -24.50 -20.44
N TYR A 4 4.10 -24.28 -19.37
CA TYR A 4 3.35 -23.05 -19.17
C TYR A 4 3.89 -22.39 -17.90
N LEU A 5 4.06 -21.07 -17.94
CA LEU A 5 4.49 -20.29 -16.79
C LEU A 5 3.44 -19.23 -16.51
N ILE A 6 2.95 -19.16 -15.28
CA ILE A 6 1.91 -18.21 -14.89
C ILE A 6 2.40 -17.38 -13.70
N GLY A 7 2.12 -16.08 -13.76
CA GLY A 7 2.49 -15.15 -12.71
C GLY A 7 1.57 -15.26 -11.49
N ASP A 8 1.67 -14.25 -10.62
CA ASP A 8 1.05 -14.30 -9.29
C ASP A 8 -0.46 -14.52 -9.39
N VAL A 9 -0.94 -15.59 -8.77
CA VAL A 9 -2.36 -15.91 -8.84
C VAL A 9 -3.19 -15.19 -7.77
N HIS A 10 -2.65 -14.97 -6.57
CA HIS A 10 -3.32 -14.21 -5.52
C HIS A 10 -4.80 -14.61 -5.37
N GLY A 11 -5.04 -15.91 -5.24
CA GLY A 11 -6.39 -16.35 -4.89
C GLY A 11 -7.39 -16.26 -6.02
N CYS A 12 -6.94 -15.95 -7.24
CA CYS A 12 -7.84 -15.74 -8.36
C CYS A 12 -8.05 -17.08 -9.07
N TYR A 13 -8.78 -17.96 -8.38
CA TYR A 13 -8.93 -19.33 -8.84
C TYR A 13 -9.67 -19.40 -10.17
N ASP A 14 -10.77 -18.66 -10.29
CA ASP A 14 -11.55 -18.71 -11.52
C ASP A 14 -10.70 -18.34 -12.73
N GLU A 15 -9.89 -17.28 -12.62
CA GLU A 15 -9.08 -16.84 -13.77
C GLU A 15 -7.99 -17.86 -14.07
N LEU A 16 -7.40 -18.46 -13.04
CA LEU A 16 -6.39 -19.47 -13.28
C LEU A 16 -6.96 -20.63 -14.07
N ILE A 17 -8.12 -21.13 -13.64
CA ILE A 17 -8.71 -22.28 -14.31
C ILE A 17 -9.13 -21.94 -15.73
N ALA A 18 -9.72 -20.75 -15.92
CA ALA A 18 -10.07 -20.33 -17.27
C ALA A 18 -8.84 -20.25 -18.18
N LEU A 19 -7.73 -19.72 -17.67
CA LEU A 19 -6.50 -19.63 -18.45
C LEU A 19 -5.96 -21.00 -18.80
N LEU A 20 -5.96 -21.92 -17.83
CA LEU A 20 -5.46 -23.27 -18.09
C LEU A 20 -6.34 -24.00 -19.10
N HIS A 21 -7.66 -23.74 -19.08
CA HIS A 21 -8.55 -24.33 -20.08
C HIS A 21 -8.29 -23.73 -21.46
N LYS A 22 -7.96 -22.44 -21.49
CA LYS A 22 -7.64 -21.77 -22.75
C LYS A 22 -6.47 -22.45 -23.45
N VAL A 23 -5.45 -22.89 -22.69
CA VAL A 23 -4.31 -23.58 -23.29
C VAL A 23 -4.47 -25.10 -23.27
N GLU A 24 -5.62 -25.62 -22.81
CA GLU A 24 -5.85 -27.05 -22.64
C GLU A 24 -4.71 -27.72 -21.87
N PHE A 25 -4.38 -27.12 -20.75
CA PHE A 25 -3.35 -27.68 -19.88
C PHE A 25 -3.71 -29.11 -19.47
N THR A 26 -2.80 -30.04 -19.71
CA THR A 26 -3.03 -31.47 -19.47
C THR A 26 -1.95 -32.04 -18.56
N PRO A 27 -2.22 -32.22 -17.27
CA PRO A 27 -1.22 -32.86 -16.40
C PRO A 27 -0.80 -34.19 -17.03
N GLY A 28 0.50 -34.48 -16.96
CA GLY A 28 1.05 -35.68 -17.57
C GLY A 28 1.66 -35.45 -18.94
N LYS A 29 1.12 -34.51 -19.72
CA LYS A 29 1.73 -34.05 -20.96
C LYS A 29 2.38 -32.68 -20.83
N ASP A 30 1.86 -31.84 -19.93
CA ASP A 30 2.29 -30.46 -19.76
C ASP A 30 2.81 -30.26 -18.34
N THR A 31 3.61 -29.21 -18.18
CA THR A 31 4.08 -28.81 -16.86
C THR A 31 3.81 -27.33 -16.65
N LEU A 32 3.38 -26.97 -15.44
CA LEU A 32 3.03 -25.59 -15.12
C LEU A 32 4.05 -25.06 -14.12
N TRP A 33 4.63 -23.89 -14.42
CA TRP A 33 5.50 -23.18 -13.48
C TRP A 33 4.71 -22.01 -12.91
N LEU A 34 4.77 -21.83 -11.58
CA LEU A 34 4.03 -20.74 -10.92
C LEU A 34 5.02 -19.89 -10.13
N THR A 35 4.93 -18.56 -10.30
CA THR A 35 5.87 -17.61 -9.70
C THR A 35 5.62 -17.32 -8.22
N GLY A 36 4.64 -17.98 -7.59
CA GLY A 36 4.40 -17.75 -6.17
C GLY A 36 3.36 -16.68 -5.94
N ASP A 37 3.17 -16.32 -4.67
CA ASP A 37 2.02 -15.50 -4.29
C ASP A 37 0.73 -16.15 -4.82
N LEU A 38 0.55 -17.40 -4.40
CA LEU A 38 -0.65 -18.14 -4.77
C LEU A 38 -1.88 -17.65 -4.05
N VAL A 39 -1.69 -17.02 -2.90
CA VAL A 39 -2.76 -16.78 -1.93
C VAL A 39 -2.88 -15.29 -1.67
N ALA A 40 -3.97 -14.87 -1.07
CA ALA A 40 -4.21 -13.50 -0.61
C ALA A 40 -4.75 -12.52 -1.65
N ARG A 41 -5.61 -11.63 -1.17
CA ARG A 41 -6.22 -10.57 -1.98
C ARG A 41 -7.41 -11.15 -2.77
N GLY A 42 -7.15 -12.09 -3.64
CA GLY A 42 -8.24 -12.70 -4.36
C GLY A 42 -9.10 -13.55 -3.47
N PRO A 43 -10.28 -13.99 -3.90
CA PRO A 43 -11.20 -14.70 -3.01
C PRO A 43 -10.98 -16.18 -2.90
N GLY A 44 -10.18 -16.80 -3.76
CA GLY A 44 -10.11 -18.25 -3.74
C GLY A 44 -8.80 -18.88 -3.34
N SER A 45 -8.12 -18.34 -2.31
CA SER A 45 -6.83 -18.90 -1.90
C SER A 45 -6.93 -20.38 -1.57
N LEU A 46 -8.03 -20.79 -0.91
CA LEU A 46 -8.17 -22.18 -0.51
C LEU A 46 -8.22 -23.10 -1.72
N ASP A 47 -9.03 -22.73 -2.73
CA ASP A 47 -9.14 -23.54 -3.93
C ASP A 47 -7.84 -23.55 -4.70
N VAL A 48 -7.17 -22.40 -4.79
CA VAL A 48 -5.87 -22.35 -5.47
C VAL A 48 -4.89 -23.33 -4.83
N LEU A 49 -4.74 -23.29 -3.49
CA LEU A 49 -3.79 -24.20 -2.86
C LEU A 49 -4.18 -25.67 -3.04
N ARG A 50 -5.47 -26.00 -2.89
CA ARG A 50 -5.90 -27.39 -3.12
C ARG A 50 -5.52 -27.85 -4.51
N TYR A 51 -5.82 -27.04 -5.52
CA TYR A 51 -5.55 -27.44 -6.90
C TYR A 51 -4.04 -27.56 -7.17
N VAL A 52 -3.26 -26.55 -6.77
CA VAL A 52 -1.82 -26.61 -7.08
C VAL A 52 -1.18 -27.80 -6.37
N LYS A 53 -1.53 -28.02 -5.10
CA LYS A 53 -1.01 -29.20 -4.41
C LYS A 53 -1.41 -30.49 -5.15
N SER A 54 -2.65 -30.56 -5.66
CA SER A 54 -3.08 -31.77 -6.34
C SER A 54 -2.28 -32.05 -7.61
N LEU A 55 -1.66 -31.02 -8.20
CA LEU A 55 -0.91 -31.27 -9.45
C LEU A 55 0.39 -32.05 -9.26
N GLY A 56 0.95 -32.10 -8.06
CA GLY A 56 2.16 -32.92 -7.89
C GLY A 56 3.30 -32.53 -8.81
N ASP A 57 3.92 -33.52 -9.47
CA ASP A 57 5.08 -33.25 -10.33
C ASP A 57 4.73 -32.46 -11.58
N SER A 58 3.45 -32.23 -11.85
CA SER A 58 3.04 -31.42 -12.98
C SER A 58 3.10 -29.93 -12.68
N VAL A 59 3.53 -29.52 -11.50
CA VAL A 59 3.68 -28.11 -11.19
C VAL A 59 5.03 -27.90 -10.53
N ARG A 60 5.69 -26.80 -10.91
CA ARG A 60 6.94 -26.34 -10.31
C ARG A 60 6.67 -24.95 -9.75
N LEU A 61 6.61 -24.86 -8.44
CA LEU A 61 6.28 -23.65 -7.70
C LEU A 61 7.53 -23.03 -7.10
N VAL A 62 7.53 -21.70 -6.95
CA VAL A 62 8.42 -21.02 -6.00
C VAL A 62 7.54 -20.22 -5.05
N LEU A 63 7.98 -20.12 -3.80
CA LEU A 63 7.25 -19.38 -2.78
C LEU A 63 7.46 -17.88 -2.93
N GLY A 64 6.39 -17.10 -2.74
CA GLY A 64 6.47 -15.65 -2.72
C GLY A 64 6.30 -15.07 -1.32
N ASN A 65 6.29 -13.73 -1.26
CA ASN A 65 6.21 -13.07 0.04
C ASN A 65 4.85 -13.25 0.70
N HIS A 66 3.76 -13.36 -0.09
CA HIS A 66 2.45 -13.58 0.52
C HIS A 66 2.25 -15.02 0.93
N ASP A 67 2.90 -15.96 0.25
CA ASP A 67 2.91 -17.34 0.74
C ASP A 67 3.60 -17.43 2.11
N LEU A 68 4.76 -16.79 2.24
CA LEU A 68 5.45 -16.80 3.52
C LEU A 68 4.62 -16.07 4.59
N HIS A 69 3.96 -14.97 4.22
CA HIS A 69 3.12 -14.30 5.21
C HIS A 69 1.97 -15.20 5.66
N LEU A 70 1.35 -15.91 4.72
CA LEU A 70 0.31 -16.85 5.11
C LEU A 70 0.86 -17.84 6.12
N LEU A 71 2.06 -18.36 5.87
CA LEU A 71 2.62 -19.34 6.81
C LEU A 71 2.85 -18.71 8.18
N ALA A 72 3.28 -17.44 8.21
CA ALA A 72 3.50 -16.77 9.49
C ALA A 72 2.19 -16.58 10.26
N VAL A 73 1.11 -16.24 9.56
CA VAL A 73 -0.21 -16.15 10.22
C VAL A 73 -0.60 -17.51 10.77
N PHE A 74 -0.49 -18.55 9.94
CA PHE A 74 -0.86 -19.90 10.35
C PHE A 74 -0.16 -20.30 11.64
N ALA A 75 1.15 -20.03 11.72
CA ALA A 75 1.96 -20.40 12.86
C ALA A 75 1.82 -19.44 14.05
N GLY A 76 0.91 -18.45 13.98
CA GLY A 76 0.74 -17.54 15.10
C GLY A 76 1.82 -16.48 15.23
N ILE A 77 2.66 -16.31 14.21
CA ILE A 77 3.74 -15.34 14.24
C ILE A 77 3.26 -13.95 13.85
N SER A 78 2.32 -13.87 12.90
CA SER A 78 1.87 -12.60 12.36
C SER A 78 0.36 -12.52 12.43
N ARG A 79 -0.11 -11.29 12.44
CA ARG A 79 -1.53 -11.01 12.55
C ARG A 79 -2.19 -11.12 11.18
N ASN A 80 -3.40 -11.69 11.18
CA ASN A 80 -4.19 -11.78 9.96
C ASN A 80 -4.77 -10.40 9.60
N LYS A 81 -4.60 -9.99 8.34
CA LYS A 81 -5.25 -8.78 7.82
C LYS A 81 -6.53 -9.15 7.10
N PRO A 82 -7.68 -8.54 7.43
CA PRO A 82 -8.91 -8.90 6.71
C PRO A 82 -8.75 -8.77 5.19
N LYS A 83 -7.93 -7.81 4.75
CA LYS A 83 -7.73 -7.55 3.33
C LYS A 83 -7.18 -8.75 2.57
N ASP A 84 -6.42 -9.63 3.22
CA ASP A 84 -5.83 -10.77 2.53
C ASP A 84 -6.84 -11.87 2.24
N ARG A 85 -7.99 -11.85 2.92
CA ARG A 85 -9.05 -12.81 2.66
C ARG A 85 -8.60 -14.26 2.92
N LEU A 86 -7.77 -14.45 3.94
CA LEU A 86 -7.19 -15.77 4.19
C LEU A 86 -8.01 -16.65 5.13
N THR A 87 -9.10 -16.13 5.71
CA THR A 87 -9.79 -16.89 6.75
C THR A 87 -10.39 -18.21 6.28
N PRO A 88 -11.07 -18.29 5.13
CA PRO A 88 -11.57 -19.60 4.69
C PRO A 88 -10.47 -20.65 4.60
N LEU A 89 -9.29 -20.29 4.09
CA LEU A 89 -8.18 -21.24 4.03
C LEU A 89 -7.67 -21.61 5.43
N LEU A 90 -7.50 -20.61 6.30
CA LEU A 90 -6.99 -20.90 7.64
C LEU A 90 -7.95 -21.76 8.46
N GLU A 91 -9.24 -21.61 8.26
CA GLU A 91 -10.24 -22.36 9.01
C GLU A 91 -10.65 -23.65 8.31
N ALA A 92 -9.98 -24.02 7.20
CA ALA A 92 -10.38 -25.19 6.45
C ALA A 92 -9.98 -26.47 7.19
N PRO A 93 -10.77 -27.54 7.07
CA PRO A 93 -10.38 -28.79 7.74
C PRO A 93 -9.04 -29.32 7.26
N ASP A 94 -8.63 -29.02 6.03
CA ASP A 94 -7.34 -29.49 5.54
C ASP A 94 -6.27 -28.41 5.61
N ALA A 95 -6.45 -27.37 6.43
CA ALA A 95 -5.46 -26.31 6.53
C ALA A 95 -4.08 -26.87 6.83
N ASP A 96 -3.96 -27.75 7.84
CA ASP A 96 -2.65 -28.30 8.19
C ASP A 96 -1.99 -28.98 7.00
N GLU A 97 -2.73 -29.85 6.32
CA GLU A 97 -2.17 -30.58 5.18
C GLU A 97 -1.67 -29.62 4.11
N LEU A 98 -2.48 -28.61 3.79
CA LEU A 98 -2.13 -27.66 2.74
C LEU A 98 -0.92 -26.81 3.13
N LEU A 99 -0.90 -26.28 4.35
CA LEU A 99 0.22 -25.38 4.68
C LEU A 99 1.50 -26.16 4.96
N ASN A 100 1.41 -27.39 5.46
CA ASN A 100 2.63 -28.17 5.62
C ASN A 100 3.19 -28.58 4.27
N TRP A 101 2.33 -28.80 3.27
CA TRP A 101 2.84 -28.94 1.92
C TRP A 101 3.45 -27.63 1.42
N LEU A 102 2.77 -26.50 1.65
CA LEU A 102 3.25 -25.24 1.08
C LEU A 102 4.64 -24.89 1.61
N ARG A 103 4.88 -25.10 2.90
CA ARG A 103 6.17 -24.68 3.42
C ARG A 103 7.33 -25.53 2.94
N ARG A 104 7.06 -26.66 2.29
CA ARG A 104 8.11 -27.53 1.78
C ARG A 104 8.44 -27.24 0.32
N GLN A 105 7.86 -26.19 -0.27
CA GLN A 105 8.10 -25.94 -1.67
C GLN A 105 9.32 -25.05 -1.86
N PRO A 106 9.94 -25.05 -3.04
CA PRO A 106 11.22 -24.34 -3.21
C PRO A 106 11.04 -22.84 -3.29
N LEU A 107 12.16 -22.15 -3.10
CA LEU A 107 12.27 -20.72 -3.40
C LEU A 107 12.78 -20.48 -4.80
N LEU A 108 13.34 -21.50 -5.42
CA LEU A 108 14.08 -21.38 -6.68
C LEU A 108 13.84 -22.63 -7.51
N GLN A 109 13.52 -22.46 -8.80
CA GLN A 109 13.42 -23.56 -9.75
C GLN A 109 14.42 -23.38 -10.88
N ILE A 110 15.12 -24.45 -11.27
CA ILE A 110 16.11 -24.41 -12.34
C ILE A 110 15.84 -25.57 -13.29
N ASP A 111 15.79 -25.28 -14.59
CA ASP A 111 15.69 -26.32 -15.62
C ASP A 111 16.87 -26.11 -16.58
N GLU A 112 17.87 -26.96 -16.46
CA GLU A 112 19.11 -26.79 -17.24
C GLU A 112 18.88 -27.02 -18.72
N GLU A 113 17.97 -27.93 -19.10
CA GLU A 113 17.73 -28.18 -20.52
C GLU A 113 17.03 -27.00 -21.20
N LYS A 114 16.22 -26.26 -20.45
CA LYS A 114 15.64 -25.03 -20.98
C LYS A 114 16.49 -23.82 -20.69
N LYS A 115 17.57 -23.98 -19.94
CA LYS A 115 18.33 -22.84 -19.44
C LYS A 115 17.38 -21.81 -18.86
N LEU A 116 16.53 -22.26 -17.93
CA LEU A 116 15.49 -21.41 -17.35
C LEU A 116 15.57 -21.45 -15.83
N VAL A 117 15.51 -20.25 -15.23
CA VAL A 117 15.51 -20.06 -13.79
C VAL A 117 14.25 -19.29 -13.40
N MET A 118 13.63 -19.71 -12.29
CA MET A 118 12.47 -19.04 -11.71
C MET A 118 12.70 -18.79 -10.22
N ALA A 119 12.36 -17.56 -9.80
CA ALA A 119 12.19 -17.20 -8.40
C ALA A 119 11.09 -16.15 -8.34
N HIS A 120 10.52 -15.94 -7.16
CA HIS A 120 9.38 -15.05 -7.07
C HIS A 120 9.73 -13.63 -7.54
N ALA A 121 10.82 -13.07 -7.00
CA ALA A 121 11.20 -11.69 -7.32
C ALA A 121 12.30 -11.62 -8.37
N GLY A 122 12.98 -12.74 -8.66
CA GLY A 122 14.10 -12.74 -9.59
C GLY A 122 15.39 -13.15 -8.93
N ILE A 123 16.54 -12.87 -9.54
CA ILE A 123 17.85 -13.28 -9.03
C ILE A 123 18.67 -12.01 -8.87
N THR A 124 19.03 -11.67 -7.63
CA THR A 124 19.87 -10.49 -7.43
C THR A 124 21.13 -10.61 -8.26
N PRO A 125 21.57 -9.54 -8.92
CA PRO A 125 22.83 -9.59 -9.69
C PRO A 125 24.06 -9.86 -8.84
N GLN A 126 23.95 -9.84 -7.50
CA GLN A 126 25.07 -10.16 -6.64
C GLN A 126 25.30 -11.66 -6.48
N TRP A 127 24.43 -12.50 -7.04
CA TRP A 127 24.52 -13.94 -6.90
C TRP A 127 24.91 -14.58 -8.23
N ASP A 128 25.81 -15.56 -8.17
CA ASP A 128 25.94 -16.49 -9.27
C ASP A 128 25.01 -17.68 -9.00
N LEU A 129 24.95 -18.61 -9.93
CA LEU A 129 23.94 -19.67 -9.81
C LEU A 129 24.23 -20.56 -8.61
N GLN A 130 25.51 -20.89 -8.39
CA GLN A 130 25.86 -21.74 -7.25
C GLN A 130 25.41 -21.10 -5.94
N THR A 131 25.64 -19.79 -5.80
CA THR A 131 25.25 -19.10 -4.57
C THR A 131 23.74 -19.06 -4.41
N ALA A 132 23.02 -18.77 -5.50
CA ALA A 132 21.57 -18.78 -5.43
C ALA A 132 21.05 -20.14 -4.97
N LYS A 133 21.62 -21.21 -5.54
CA LYS A 133 21.17 -22.55 -5.17
C LYS A 133 21.42 -22.81 -3.69
N GLU A 134 22.60 -22.45 -3.21
CA GLU A 134 22.93 -22.69 -1.81
C GLU A 134 22.02 -21.90 -0.88
N CYS A 135 21.76 -20.63 -1.21
CA CYS A 135 20.89 -19.83 -0.36
C CYS A 135 19.47 -20.36 -0.36
N ALA A 136 18.96 -20.72 -1.54
CA ALA A 136 17.64 -21.33 -1.59
C ALA A 136 17.60 -22.56 -0.69
N ARG A 137 18.64 -23.40 -0.77
CA ARG A 137 18.64 -24.62 0.05
C ARG A 137 18.64 -24.28 1.54
N ASP A 138 19.40 -23.27 1.94
CA ASP A 138 19.46 -22.88 3.34
C ASP A 138 18.07 -22.51 3.84
N VAL A 139 17.39 -21.62 3.10
CA VAL A 139 16.10 -21.16 3.60
C VAL A 139 15.06 -22.28 3.51
N GLU A 140 15.10 -23.09 2.45
CA GLU A 140 14.15 -24.21 2.35
C GLU A 140 14.33 -25.19 3.49
N ALA A 141 15.59 -25.44 3.91
CA ALA A 141 15.81 -26.34 5.04
C ALA A 141 15.16 -25.78 6.29
N VAL A 142 15.24 -24.47 6.50
CA VAL A 142 14.58 -23.95 7.69
C VAL A 142 13.06 -24.09 7.56
N LEU A 143 12.50 -23.75 6.39
CA LEU A 143 11.05 -23.76 6.23
C LEU A 143 10.46 -25.14 6.34
N SER A 144 11.21 -26.18 5.97
CA SER A 144 10.75 -27.55 6.01
C SER A 144 10.96 -28.20 7.38
N SER A 145 11.60 -27.50 8.30
CA SER A 145 11.93 -28.10 9.58
C SER A 145 10.80 -27.86 10.59
N ASP A 146 10.84 -28.60 11.70
CA ASP A 146 9.83 -28.44 12.74
C ASP A 146 9.88 -27.09 13.42
N SER A 147 10.96 -26.32 13.20
CA SER A 147 11.15 -25.02 13.84
C SER A 147 11.01 -23.85 12.86
N TYR A 148 10.19 -24.01 11.83
CA TYR A 148 9.97 -22.92 10.88
C TYR A 148 9.33 -21.67 11.51
N PRO A 149 8.53 -21.75 12.58
CA PRO A 149 7.97 -20.50 13.14
C PRO A 149 9.03 -19.53 13.65
N PHE A 150 10.14 -20.05 14.19
CA PHE A 150 11.22 -19.17 14.63
C PHE A 150 11.82 -18.43 13.44
N PHE A 151 12.01 -19.14 12.31
CA PHE A 151 12.51 -18.47 11.11
C PHE A 151 11.53 -17.43 10.58
N LEU A 152 10.25 -17.80 10.50
CA LEU A 152 9.26 -16.86 10.01
C LEU A 152 9.26 -15.59 10.85
N ASP A 153 9.41 -15.74 12.17
CA ASP A 153 9.50 -14.58 13.05
C ASP A 153 10.75 -13.76 12.73
N ALA A 154 11.87 -14.43 12.43
CA ALA A 154 13.12 -13.73 12.19
C ALA A 154 13.19 -13.05 10.82
N MET A 155 12.40 -13.51 9.84
CA MET A 155 12.55 -13.05 8.47
C MET A 155 12.18 -11.58 8.29
N TYR A 156 11.25 -11.05 9.09
CA TYR A 156 10.83 -9.66 8.91
C TYR A 156 12.00 -8.72 9.15
N GLY A 157 12.21 -7.78 8.25
CA GLY A 157 13.32 -6.85 8.36
C GLY A 157 13.86 -6.48 6.99
N ASP A 158 14.50 -5.31 6.92
CA ASP A 158 14.99 -4.76 5.66
C ASP A 158 16.50 -4.73 5.54
N MET A 159 17.25 -5.23 6.54
CA MET A 159 18.69 -5.22 6.56
C MET A 159 19.22 -6.62 6.87
N PRO A 160 20.42 -6.98 6.39
CA PRO A 160 21.31 -6.22 5.51
C PRO A 160 20.81 -6.26 4.07
N ASN A 161 21.21 -5.30 3.24
CA ASN A 161 20.76 -5.24 1.85
C ASN A 161 21.88 -5.50 0.87
N ASN A 162 23.00 -6.04 1.34
CA ASN A 162 24.16 -6.29 0.51
C ASN A 162 24.67 -7.70 0.77
N TRP A 163 24.85 -8.48 -0.28
CA TRP A 163 25.28 -9.85 -0.10
C TRP A 163 26.80 -9.93 0.16
N SER A 164 27.18 -10.83 1.08
CA SER A 164 28.55 -11.24 1.28
C SER A 164 28.53 -12.72 1.67
N PRO A 165 29.45 -13.53 1.15
CA PRO A 165 29.56 -14.92 1.62
C PRO A 165 29.88 -15.01 3.11
N GLU A 166 30.32 -13.91 3.74
CA GLU A 166 30.61 -13.85 5.17
C GLU A 166 29.36 -13.69 6.03
N LEU A 167 28.22 -13.33 5.43
CA LEU A 167 27.00 -13.16 6.21
C LEU A 167 26.69 -14.44 6.97
N ARG A 168 26.26 -14.30 8.21
CA ARG A 168 25.93 -15.44 9.05
C ARG A 168 24.60 -15.15 9.75
N GLY A 169 23.99 -16.21 10.24
CA GLY A 169 22.87 -16.07 11.14
C GLY A 169 21.65 -15.37 10.55
N LEU A 170 20.98 -14.62 11.43
CA LEU A 170 19.70 -14.02 11.08
C LEU A 170 19.83 -13.13 9.85
N GLY A 171 20.88 -12.30 9.80
CA GLY A 171 21.06 -11.40 8.67
C GLY A 171 21.20 -12.15 7.36
N ARG A 172 21.93 -13.27 7.38
CA ARG A 172 22.06 -14.06 6.16
C ARG A 172 20.70 -14.57 5.69
N LEU A 173 19.92 -15.17 6.59
CA LEU A 173 18.59 -15.63 6.17
C LEU A 173 17.71 -14.47 5.72
N ARG A 174 17.73 -13.34 6.42
CA ARG A 174 16.88 -12.21 6.04
C ARG A 174 17.24 -11.69 4.64
N PHE A 175 18.53 -11.56 4.35
CA PHE A 175 18.92 -11.13 3.01
C PHE A 175 18.43 -12.11 1.97
N ILE A 176 18.63 -13.41 2.21
CA ILE A 176 18.21 -14.41 1.24
C ILE A 176 16.71 -14.27 0.96
N THR A 177 15.91 -14.18 2.03
CA THR A 177 14.47 -14.09 1.87
C THR A 177 14.07 -12.83 1.11
N ASN A 178 14.69 -11.70 1.43
CA ASN A 178 14.35 -10.45 0.75
C ASN A 178 14.71 -10.52 -0.72
N ALA A 179 15.88 -11.08 -1.04
CA ALA A 179 16.32 -11.18 -2.43
C ALA A 179 15.39 -12.08 -3.24
N PHE A 180 14.96 -13.22 -2.68
CA PHE A 180 14.11 -14.09 -3.48
C PHE A 180 12.66 -13.60 -3.56
N THR A 181 12.12 -12.96 -2.50
CA THR A 181 10.68 -12.72 -2.44
C THR A 181 10.27 -11.26 -2.41
N ARG A 182 11.20 -10.30 -2.20
CA ARG A 182 10.79 -8.89 -2.11
C ARG A 182 11.51 -7.96 -3.06
N MET A 183 12.58 -8.40 -3.70
CA MET A 183 13.46 -7.52 -4.48
C MET A 183 12.73 -6.89 -5.64
N ARG A 184 13.05 -5.61 -5.88
CA ARG A 184 12.67 -4.92 -7.09
C ARG A 184 13.86 -4.09 -7.59
N PHE A 185 14.16 -3.00 -6.89
CA PHE A 185 15.22 -2.07 -7.28
C PHE A 185 16.54 -2.38 -6.61
N CYS A 186 17.64 -2.09 -7.32
CA CYS A 186 18.99 -2.19 -6.81
C CYS A 186 19.72 -0.87 -6.96
N PHE A 187 20.71 -0.66 -6.08
CA PHE A 187 21.70 0.37 -6.32
C PHE A 187 22.72 -0.14 -7.34
N PRO A 188 23.48 0.76 -7.95
CA PRO A 188 24.41 0.35 -9.02
C PRO A 188 25.33 -0.80 -8.63
N ASN A 189 25.73 -0.88 -7.35
CA ASN A 189 26.56 -1.98 -6.86
C ASN A 189 25.75 -3.25 -6.60
N GLY A 190 24.45 -3.25 -6.89
CA GLY A 190 23.61 -4.41 -6.70
C GLY A 190 22.90 -4.48 -5.37
N GLN A 191 23.16 -3.56 -4.45
CA GLN A 191 22.55 -3.61 -3.13
C GLN A 191 21.03 -3.36 -3.21
N LEU A 192 20.27 -4.03 -2.35
CA LEU A 192 18.82 -4.00 -2.44
C LEU A 192 18.23 -2.73 -1.84
N ASP A 193 17.23 -2.17 -2.51
CA ASP A 193 16.37 -1.14 -1.95
C ASP A 193 15.02 -1.75 -1.61
N MET A 194 14.58 -1.59 -0.35
CA MET A 194 13.39 -2.25 0.16
C MET A 194 12.17 -1.33 0.26
N TYR A 195 12.21 -0.14 -0.34
CA TYR A 195 11.14 0.83 -0.13
C TYR A 195 10.36 1.16 -1.40
N SER A 196 11.01 1.27 -2.55
CA SER A 196 10.30 1.67 -3.75
C SER A 196 9.63 0.46 -4.41
N LYS A 197 8.35 0.63 -4.77
CA LYS A 197 7.55 -0.42 -5.40
C LYS A 197 6.93 0.07 -6.69
N GLU A 198 7.42 1.19 -7.23
CA GLU A 198 6.86 1.81 -8.41
C GLU A 198 7.47 1.22 -9.66
N SER A 199 6.99 1.66 -10.82
CA SER A 199 7.59 1.24 -12.09
C SER A 199 9.00 1.82 -12.23
N PRO A 200 9.85 1.19 -13.05
CA PRO A 200 11.22 1.71 -13.20
C PRO A 200 11.27 3.16 -13.60
N GLU A 201 10.30 3.61 -14.41
CA GLU A 201 10.28 4.99 -14.90
C GLU A 201 10.07 5.99 -13.76
N GLU A 202 9.34 5.59 -12.72
CA GLU A 202 9.06 6.47 -11.58
C GLU A 202 10.12 6.36 -10.48
N ALA A 203 11.20 5.62 -10.72
CA ALA A 203 12.07 5.47 -9.56
C ALA A 203 13.21 6.49 -9.59
N PRO A 204 13.63 6.97 -8.42
CA PRO A 204 14.70 7.96 -8.38
C PRO A 204 16.06 7.35 -8.70
N ALA A 205 16.90 8.16 -9.33
CA ALA A 205 18.28 7.76 -9.56
C ALA A 205 18.97 7.57 -8.21
N PRO A 206 19.98 6.69 -8.13
CA PRO A 206 20.53 5.85 -9.18
C PRO A 206 19.90 4.45 -9.15
N LEU A 207 18.64 4.36 -8.70
CA LEU A 207 17.98 3.07 -8.57
C LEU A 207 17.64 2.51 -9.96
N LYS A 208 17.94 1.24 -10.18
CA LYS A 208 17.56 0.55 -11.40
C LYS A 208 16.96 -0.80 -11.07
N PRO A 209 16.09 -1.33 -11.94
CA PRO A 209 15.58 -2.69 -11.73
C PRO A 209 16.73 -3.66 -11.56
N TRP A 210 16.54 -4.66 -10.69
CA TRP A 210 17.56 -5.68 -10.52
C TRP A 210 17.99 -6.28 -11.84
N PHE A 211 17.08 -6.40 -12.80
CA PHE A 211 17.43 -7.04 -14.07
C PHE A 211 18.15 -6.10 -15.03
N ALA A 212 18.25 -4.82 -14.71
CA ALA A 212 19.02 -3.86 -15.51
C ALA A 212 20.50 -3.85 -15.15
N ILE A 213 20.88 -4.63 -14.15
CA ILE A 213 22.26 -4.74 -13.69
C ILE A 213 22.78 -6.10 -14.16
N PRO A 214 23.84 -6.15 -14.97
CA PRO A 214 24.30 -7.45 -15.46
C PRO A 214 24.73 -8.34 -14.30
N GLY A 215 24.21 -9.55 -14.29
CA GLY A 215 24.56 -10.50 -13.27
C GLY A 215 24.89 -11.83 -13.88
N PRO A 216 25.68 -12.65 -13.18
CA PRO A 216 26.16 -13.89 -13.80
C PRO A 216 25.03 -14.84 -14.18
N VAL A 217 23.94 -14.90 -13.41
CA VAL A 217 22.86 -15.84 -13.76
C VAL A 217 22.17 -15.39 -15.03
N ALA A 218 21.77 -14.12 -15.09
CA ALA A 218 21.04 -13.61 -16.25
C ALA A 218 21.87 -13.65 -17.52
N GLU A 219 23.19 -13.69 -17.41
CA GLU A 219 24.04 -13.78 -18.60
C GLU A 219 24.00 -15.15 -19.23
N GLU A 220 23.67 -16.18 -18.48
CA GLU A 220 23.63 -17.53 -19.03
C GLU A 220 22.23 -18.15 -19.03
N TYR A 221 21.29 -17.64 -18.25
CA TYR A 221 19.97 -18.24 -18.12
C TYR A 221 18.89 -17.21 -18.40
N SER A 222 17.75 -17.70 -18.91
CA SER A 222 16.53 -16.91 -18.87
C SER A 222 16.01 -16.91 -17.43
N ILE A 223 15.36 -15.81 -17.03
CA ILE A 223 14.79 -15.73 -15.68
C ILE A 223 13.34 -15.32 -15.79
N ALA A 224 12.46 -16.13 -15.21
CA ALA A 224 11.04 -15.81 -15.10
C ALA A 224 10.74 -15.47 -13.65
N PHE A 225 9.88 -14.47 -13.43
CA PHE A 225 9.57 -14.06 -12.07
C PHE A 225 8.19 -13.41 -12.05
N GLY A 226 7.68 -13.18 -10.84
CA GLY A 226 6.42 -12.50 -10.70
C GLY A 226 6.55 -11.25 -9.85
N HIS A 227 5.69 -11.13 -8.83
CA HIS A 227 5.92 -10.19 -7.72
C HIS A 227 5.75 -8.71 -8.06
N TRP A 228 6.40 -8.22 -9.12
CA TRP A 228 6.50 -6.77 -9.34
C TRP A 228 5.36 -6.32 -10.25
N ALA A 229 4.17 -6.17 -9.65
CA ALA A 229 2.98 -5.92 -10.45
C ALA A 229 3.01 -4.56 -11.16
N SER A 230 3.60 -3.54 -10.54
CA SER A 230 3.67 -2.22 -11.18
C SER A 230 4.56 -2.22 -12.42
N LEU A 231 5.33 -3.29 -12.62
CA LEU A 231 6.06 -3.45 -13.87
C LEU A 231 5.10 -3.71 -15.03
N GLU A 232 3.94 -4.27 -14.73
CA GLU A 232 2.93 -4.62 -15.73
C GLU A 232 3.49 -5.54 -16.80
N GLY A 233 4.49 -6.34 -16.45
CA GLY A 233 5.06 -7.30 -17.38
C GLY A 233 5.87 -6.70 -18.51
N LYS A 234 6.19 -5.40 -18.47
CA LYS A 234 6.81 -4.68 -19.58
C LYS A 234 8.18 -4.17 -19.19
N GLY A 235 8.93 -3.75 -20.21
CA GLY A 235 10.19 -3.05 -20.00
C GLY A 235 11.37 -3.92 -19.61
N THR A 236 11.29 -5.25 -19.87
CA THR A 236 12.40 -6.11 -19.45
C THR A 236 13.32 -6.41 -20.63
N PRO A 237 14.60 -6.70 -20.36
CA PRO A 237 15.51 -7.10 -21.44
C PRO A 237 15.23 -8.50 -21.95
N GLU A 238 15.80 -8.80 -23.12
CA GLU A 238 15.65 -10.13 -23.69
C GLU A 238 16.13 -11.17 -22.70
N GLY A 239 15.36 -12.25 -22.54
CA GLY A 239 15.70 -13.29 -21.59
C GLY A 239 15.20 -13.08 -20.17
N ILE A 240 14.47 -12.00 -19.92
CA ILE A 240 13.88 -11.70 -18.61
C ILE A 240 12.38 -11.63 -18.81
N TYR A 241 11.62 -12.47 -18.08
CA TYR A 241 10.17 -12.59 -18.24
C TYR A 241 9.46 -12.21 -16.94
N ALA A 242 8.84 -11.03 -16.95
CA ALA A 242 8.06 -10.53 -15.82
C ALA A 242 6.61 -10.93 -16.02
N LEU A 243 6.14 -11.91 -15.26
CA LEU A 243 4.85 -12.54 -15.52
C LEU A 243 3.71 -12.00 -14.67
N ASP A 244 3.98 -11.13 -13.70
CA ASP A 244 2.92 -10.65 -12.82
C ASP A 244 2.24 -9.44 -13.46
N THR A 245 1.05 -9.64 -14.01
CA THR A 245 0.33 -8.52 -14.63
C THR A 245 -0.87 -8.09 -13.78
N GLY A 246 -0.83 -8.38 -12.48
CA GLY A 246 -1.76 -7.77 -11.53
C GLY A 246 -3.18 -8.29 -11.52
N CYS A 247 -3.37 -9.62 -11.62
CA CYS A 247 -4.72 -10.13 -11.78
C CYS A 247 -5.61 -9.73 -10.60
N CYS A 248 -5.15 -9.97 -9.37
CA CYS A 248 -5.98 -9.66 -8.22
C CYS A 248 -6.28 -8.16 -8.14
N TRP A 249 -5.48 -7.31 -8.78
CA TRP A 249 -5.65 -5.87 -8.75
C TRP A 249 -6.59 -5.36 -9.84
N GLY A 250 -7.23 -6.26 -10.59
CA GLY A 250 -8.03 -5.86 -11.72
C GLY A 250 -7.31 -5.82 -13.05
N GLY A 251 -6.07 -6.31 -13.11
CA GLY A 251 -5.34 -6.40 -14.36
C GLY A 251 -5.64 -7.72 -15.05
N THR A 252 -4.61 -8.50 -15.35
CA THR A 252 -4.79 -9.75 -16.07
C THR A 252 -3.89 -10.82 -15.43
N LEU A 253 -4.28 -12.09 -15.65
CA LEU A 253 -3.40 -13.22 -15.35
C LEU A 253 -2.72 -13.64 -16.67
N THR A 254 -1.39 -13.74 -16.64
CA THR A 254 -0.62 -14.02 -17.85
C THR A 254 -0.02 -15.41 -17.78
N CYS A 255 -0.09 -16.12 -18.91
CA CYS A 255 0.50 -17.43 -19.10
C CYS A 255 1.42 -17.34 -20.31
N LEU A 256 2.64 -17.82 -20.16
CA LEU A 256 3.62 -17.89 -21.24
C LEU A 256 3.91 -19.35 -21.55
N ARG A 257 3.71 -19.77 -22.80
CA ARG A 257 4.14 -21.10 -23.21
C ARG A 257 5.59 -21.02 -23.66
N TRP A 258 6.43 -21.87 -23.05
CA TRP A 258 7.88 -21.73 -23.18
C TRP A 258 8.38 -22.13 -24.57
N GLU A 259 7.77 -23.15 -25.17
CA GLU A 259 8.29 -23.69 -26.42
C GLU A 259 8.25 -22.65 -27.54
N ASP A 260 7.18 -21.86 -27.61
CA ASP A 260 7.09 -20.85 -28.65
C ASP A 260 7.02 -19.43 -28.11
N LYS A 261 7.27 -19.25 -26.81
CA LYS A 261 7.16 -17.95 -26.16
C LYS A 261 5.83 -17.28 -26.51
N GLN A 262 4.76 -18.07 -26.53
CA GLN A 262 3.46 -17.51 -26.85
C GLN A 262 2.72 -17.10 -25.58
N TYR A 263 2.16 -15.89 -25.57
CA TYR A 263 1.42 -15.39 -24.41
C TYR A 263 -0.08 -15.64 -24.55
N PHE A 264 -0.71 -15.99 -23.42
CA PHE A 264 -2.15 -16.13 -23.28
C PHE A 264 -2.56 -15.34 -22.04
N VAL A 265 -3.65 -14.59 -22.12
CA VAL A 265 -3.99 -13.67 -21.04
C VAL A 265 -5.46 -13.86 -20.67
N GLN A 266 -5.75 -13.80 -19.37
CA GLN A 266 -7.10 -13.94 -18.86
C GLN A 266 -7.46 -12.68 -18.10
N PRO A 267 -8.48 -11.94 -18.53
CA PRO A 267 -8.83 -10.70 -17.83
C PRO A 267 -9.30 -10.98 -16.42
N SER A 268 -8.97 -10.07 -15.51
CA SER A 268 -9.49 -10.22 -14.15
C SER A 268 -11.02 -10.22 -14.20
N ASN A 269 -11.62 -11.03 -13.33
CA ASN A 269 -13.08 -11.12 -13.25
C ASN A 269 -13.71 -9.92 -12.57
N ARG A 270 -12.88 -9.09 -11.92
CA ARG A 270 -13.31 -7.85 -11.28
C ARG A 270 -14.14 -6.99 -12.23
N ALA B 2 -20.24 33.81 5.65
CA ALA B 2 -20.68 32.43 5.51
C ALA B 2 -19.51 31.48 5.75
N THR B 3 -19.84 30.22 6.03
CA THR B 3 -18.85 29.20 6.37
C THR B 3 -18.94 28.08 5.36
N TYR B 4 -17.81 27.80 4.68
CA TYR B 4 -17.76 26.80 3.63
C TYR B 4 -16.77 25.70 4.01
N LEU B 5 -17.16 24.45 3.80
CA LEU B 5 -16.29 23.30 4.07
C LEU B 5 -16.07 22.57 2.75
N ILE B 6 -14.81 22.33 2.39
CA ILE B 6 -14.48 21.68 1.13
C ILE B 6 -13.59 20.46 1.40
N GLY B 7 -13.89 19.33 0.73
CA GLY B 7 -13.15 18.10 0.86
C GLY B 7 -11.81 18.16 0.12
N ASP B 8 -11.18 16.98 -0.03
CA ASP B 8 -9.79 16.91 -0.50
C ASP B 8 -9.63 17.56 -1.88
N VAL B 9 -8.74 18.54 -1.95
CA VAL B 9 -8.50 19.28 -3.19
C VAL B 9 -7.50 18.56 -4.10
N HIS B 10 -6.48 17.92 -3.52
CA HIS B 10 -5.49 17.16 -4.29
C HIS B 10 -5.01 17.91 -5.52
N GLY B 11 -4.55 19.14 -5.33
CA GLY B 11 -3.95 19.86 -6.45
C GLY B 11 -4.92 20.34 -7.51
N CYS B 12 -6.24 20.19 -7.27
CA CYS B 12 -7.24 20.55 -8.29
C CYS B 12 -7.59 22.03 -8.13
N TYR B 13 -6.61 22.86 -8.50
CA TYR B 13 -6.72 24.29 -8.27
C TYR B 13 -7.87 24.91 -9.06
N ASP B 14 -7.98 24.57 -10.36
CA ASP B 14 -9.02 25.16 -11.20
C ASP B 14 -10.41 24.87 -10.64
N GLU B 15 -10.65 23.63 -10.18
CA GLU B 15 -11.95 23.25 -9.62
C GLU B 15 -12.23 23.97 -8.31
N LEU B 16 -11.19 24.11 -7.47
CA LEU B 16 -11.36 24.83 -6.22
C LEU B 16 -11.79 26.26 -6.48
N ILE B 17 -11.10 26.94 -7.40
CA ILE B 17 -11.41 28.34 -7.64
C ILE B 17 -12.79 28.48 -8.28
N ALA B 18 -13.15 27.60 -9.21
CA ALA B 18 -14.48 27.66 -9.79
C ALA B 18 -15.55 27.46 -8.73
N LEU B 19 -15.34 26.51 -7.83
CA LEU B 19 -16.31 26.28 -6.76
C LEU B 19 -16.42 27.48 -5.83
N LEU B 20 -15.28 28.09 -5.49
CA LEU B 20 -15.30 29.28 -4.62
C LEU B 20 -15.96 30.48 -5.31
N HIS B 21 -15.77 30.62 -6.64
CA HIS B 21 -16.47 31.69 -7.35
C HIS B 21 -17.96 31.40 -7.43
N LYS B 22 -18.34 30.13 -7.53
CA LYS B 22 -19.75 29.77 -7.54
C LYS B 22 -20.46 30.26 -6.28
N VAL B 23 -19.81 30.17 -5.12
CA VAL B 23 -20.40 30.63 -3.87
C VAL B 23 -19.99 32.06 -3.53
N GLU B 24 -19.27 32.74 -4.43
CA GLU B 24 -18.78 34.08 -4.17
C GLU B 24 -18.07 34.18 -2.83
N PHE B 25 -17.12 33.25 -2.62
CA PHE B 25 -16.31 33.27 -1.41
C PHE B 25 -15.52 34.57 -1.28
N THR B 26 -15.67 35.23 -0.13
CA THR B 26 -15.07 36.55 0.12
C THR B 26 -14.26 36.54 1.41
N PRO B 27 -12.93 36.47 1.31
CA PRO B 27 -12.10 36.57 2.52
C PRO B 27 -12.43 37.84 3.29
N GLY B 28 -12.46 37.72 4.62
CA GLY B 28 -12.86 38.79 5.49
C GLY B 28 -14.33 38.74 5.90
N LYS B 29 -15.20 38.24 5.03
CA LYS B 29 -16.58 37.98 5.38
C LYS B 29 -16.89 36.50 5.58
N ASP B 30 -16.16 35.62 4.87
CA ASP B 30 -16.42 34.19 4.86
C ASP B 30 -15.20 33.46 5.39
N THR B 31 -15.43 32.22 5.84
CA THR B 31 -14.35 31.35 6.28
C THR B 31 -14.44 30.03 5.54
N LEU B 32 -13.29 29.51 5.13
CA LEU B 32 -13.23 28.28 4.37
C LEU B 32 -12.56 27.23 5.26
N TRP B 33 -13.20 26.08 5.42
CA TRP B 33 -12.60 24.95 6.10
C TRP B 33 -12.17 23.94 5.04
N LEU B 34 -10.96 23.39 5.19
CA LEU B 34 -10.44 22.43 4.20
C LEU B 34 -10.03 21.14 4.90
N THR B 35 -10.46 20.00 4.38
CA THR B 35 -10.21 18.72 5.03
C THR B 35 -8.79 18.20 4.85
N GLY B 36 -7.93 18.92 4.15
CA GLY B 36 -6.56 18.47 4.01
C GLY B 36 -6.42 17.69 2.72
N ASP B 37 -5.25 17.07 2.55
CA ASP B 37 -4.83 16.50 1.27
C ASP B 37 -5.01 17.56 0.19
N LEU B 38 -4.34 18.71 0.44
CA LEU B 38 -4.36 19.83 -0.49
C LEU B 38 -3.57 19.53 -1.76
N VAL B 39 -2.62 18.60 -1.67
CA VAL B 39 -1.59 18.42 -2.67
C VAL B 39 -1.64 17.00 -3.22
N ALA B 40 -0.94 16.82 -4.36
CA ALA B 40 -0.70 15.52 -5.00
C ALA B 40 -1.83 15.06 -5.91
N ARG B 41 -1.47 14.32 -6.96
CA ARG B 41 -2.34 13.73 -7.97
C ARG B 41 -2.88 14.77 -8.95
N GLY B 42 -3.56 15.82 -8.47
CA GLY B 42 -3.96 16.89 -9.35
C GLY B 42 -2.76 17.66 -9.81
N PRO B 43 -2.92 18.52 -10.83
CA PRO B 43 -1.77 19.22 -11.40
C PRO B 43 -1.35 20.48 -10.67
N GLY B 44 -2.17 21.04 -9.78
CA GLY B 44 -1.83 22.37 -9.24
C GLY B 44 -1.51 22.50 -7.76
N SER B 45 -0.79 21.54 -7.18
CA SER B 45 -0.45 21.61 -5.76
C SER B 45 0.21 22.93 -5.41
N LEU B 46 1.09 23.43 -6.28
CA LEU B 46 1.81 24.65 -5.99
C LEU B 46 0.85 25.84 -5.89
N ASP B 47 -0.08 25.94 -6.85
CA ASP B 47 -1.05 27.03 -6.80
C ASP B 47 -1.99 26.89 -5.60
N VAL B 48 -2.42 25.67 -5.31
CA VAL B 48 -3.28 25.44 -4.14
C VAL B 48 -2.60 25.93 -2.87
N LEU B 49 -1.35 25.53 -2.64
CA LEU B 49 -0.69 25.97 -1.40
C LEU B 49 -0.49 27.48 -1.37
N ARG B 50 -0.06 28.08 -2.48
CA ARG B 50 0.11 29.53 -2.48
C ARG B 50 -1.19 30.23 -2.11
N TYR B 51 -2.29 29.82 -2.74
CA TYR B 51 -3.57 30.49 -2.49
C TYR B 51 -4.04 30.27 -1.06
N VAL B 52 -4.04 29.00 -0.59
CA VAL B 52 -4.59 28.74 0.74
C VAL B 52 -3.78 29.49 1.79
N LYS B 53 -2.45 29.48 1.66
CA LYS B 53 -1.62 30.28 2.56
C LYS B 53 -1.97 31.75 2.51
N SER B 54 -2.22 32.29 1.32
CA SER B 54 -2.53 33.72 1.22
C SER B 54 -3.85 34.06 1.93
N LEU B 55 -4.71 33.07 2.17
CA LEU B 55 -5.99 33.33 2.83
C LEU B 55 -5.86 33.68 4.32
N GLY B 56 -4.75 33.35 4.97
CA GLY B 56 -4.60 33.73 6.38
C GLY B 56 -5.72 33.20 7.26
N ASP B 57 -6.28 34.07 8.10
CA ASP B 57 -7.32 33.68 9.04
C ASP B 57 -8.65 33.32 8.38
N SER B 58 -8.82 33.54 7.09
CA SER B 58 -10.04 33.12 6.41
C SER B 58 -10.06 31.66 6.03
N VAL B 59 -9.04 30.89 6.42
CA VAL B 59 -9.06 29.46 6.15
C VAL B 59 -8.71 28.72 7.43
N ARG B 60 -9.41 27.61 7.65
CA ARG B 60 -9.15 26.67 8.74
C ARG B 60 -8.86 25.31 8.10
N LEU B 61 -7.59 24.94 8.12
CA LEU B 61 -7.06 23.75 7.48
C LEU B 61 -6.78 22.67 8.52
N VAL B 62 -6.91 21.41 8.14
CA VAL B 62 -6.29 20.31 8.87
C VAL B 62 -5.40 19.56 7.89
N LEU B 63 -4.30 19.00 8.39
CA LEU B 63 -3.38 18.26 7.53
C LEU B 63 -3.85 16.83 7.27
N GLY B 64 -3.67 16.36 6.03
CA GLY B 64 -3.96 14.99 5.66
C GLY B 64 -2.70 14.17 5.42
N ASN B 65 -2.91 12.91 5.03
CA ASN B 65 -1.79 11.98 4.84
C ASN B 65 -0.90 12.38 3.66
N HIS B 66 -1.48 12.98 2.63
CA HIS B 66 -0.66 13.40 1.48
C HIS B 66 0.07 14.71 1.75
N ASP B 67 -0.48 15.56 2.62
CA ASP B 67 0.29 16.72 3.10
C ASP B 67 1.50 16.27 3.90
N LEU B 68 1.30 15.32 4.81
CA LEU B 68 2.42 14.81 5.59
C LEU B 68 3.44 14.13 4.68
N HIS B 69 2.98 13.40 3.67
CA HIS B 69 3.95 12.80 2.75
C HIS B 69 4.75 13.86 2.00
N LEU B 70 4.08 14.90 1.52
CA LEU B 70 4.81 16.01 0.89
C LEU B 70 5.87 16.53 1.83
N LEU B 71 5.52 16.71 3.12
CA LEU B 71 6.51 17.27 4.04
C LEU B 71 7.70 16.32 4.19
N ALA B 72 7.42 15.00 4.22
CA ALA B 72 8.47 14.00 4.37
C ALA B 72 9.42 13.99 3.16
N VAL B 73 8.87 14.15 1.95
CA VAL B 73 9.71 14.28 0.76
C VAL B 73 10.56 15.54 0.85
N PHE B 74 9.94 16.66 1.20
CA PHE B 74 10.66 17.91 1.33
C PHE B 74 11.87 17.76 2.23
N ALA B 75 11.69 17.11 3.38
CA ALA B 75 12.74 16.95 4.39
C ALA B 75 13.74 15.84 4.08
N GLY B 76 13.65 15.18 2.94
CA GLY B 76 14.58 14.13 2.63
C GLY B 76 14.30 12.81 3.32
N ILE B 77 13.12 12.66 3.94
CA ILE B 77 12.76 11.42 4.63
C ILE B 77 12.21 10.40 3.65
N SER B 78 11.44 10.86 2.65
CA SER B 78 10.77 9.95 1.73
C SER B 78 11.06 10.38 0.30
N ARG B 79 10.98 9.40 -0.60
CA ARG B 79 11.31 9.64 -2.00
C ARG B 79 10.12 10.21 -2.75
N ASN B 80 10.40 11.19 -3.61
CA ASN B 80 9.38 11.76 -4.48
C ASN B 80 8.99 10.78 -5.58
N LYS B 81 7.69 10.56 -5.75
CA LYS B 81 7.18 9.83 -6.91
C LYS B 81 6.75 10.84 -7.95
N PRO B 82 7.29 10.80 -9.18
CA PRO B 82 6.90 11.81 -10.19
C PRO B 82 5.40 11.84 -10.47
N LYS B 83 4.75 10.68 -10.43
CA LYS B 83 3.33 10.60 -10.70
C LYS B 83 2.49 11.44 -9.75
N ASP B 84 3.00 11.75 -8.55
CA ASP B 84 2.25 12.55 -7.58
C ASP B 84 2.12 14.00 -8.00
N ARG B 85 2.88 14.45 -9.00
CA ARG B 85 2.85 15.82 -9.49
C ARG B 85 3.31 16.83 -8.44
N LEU B 86 4.21 16.43 -7.54
CA LEU B 86 4.68 17.37 -6.52
C LEU B 86 5.97 18.08 -6.90
N THR B 87 6.60 17.71 -8.01
CA THR B 87 7.91 18.27 -8.33
C THR B 87 7.87 19.78 -8.53
N PRO B 88 6.90 20.35 -9.24
CA PRO B 88 6.89 21.81 -9.37
C PRO B 88 6.87 22.52 -8.03
N LEU B 89 6.09 21.99 -7.08
CA LEU B 89 6.04 22.60 -5.75
C LEU B 89 7.38 22.46 -5.04
N LEU B 90 7.97 21.26 -5.11
CA LEU B 90 9.24 21.04 -4.42
C LEU B 90 10.34 21.93 -4.99
N GLU B 91 10.31 22.19 -6.30
CA GLU B 91 11.34 22.98 -6.97
C GLU B 91 10.98 24.47 -7.05
N ALA B 92 9.89 24.89 -6.41
CA ALA B 92 9.49 26.28 -6.50
C ALA B 92 10.41 27.15 -5.65
N PRO B 93 10.70 28.37 -6.10
CA PRO B 93 11.58 29.22 -5.30
C PRO B 93 11.02 29.54 -3.93
N ASP B 94 9.69 29.50 -3.75
CA ASP B 94 9.09 29.74 -2.44
C ASP B 94 8.73 28.46 -1.72
N ALA B 95 9.36 27.34 -2.09
CA ALA B 95 9.09 26.05 -1.47
C ALA B 95 9.25 26.10 0.04
N ASP B 96 10.37 26.65 0.52
CA ASP B 96 10.65 26.70 1.95
C ASP B 96 9.55 27.45 2.69
N GLU B 97 9.19 28.63 2.19
CA GLU B 97 8.15 29.43 2.83
C GLU B 97 6.83 28.67 2.91
N LEU B 98 6.43 28.04 1.79
CA LEU B 98 5.15 27.35 1.74
C LEU B 98 5.13 26.14 2.67
N LEU B 99 6.19 25.32 2.66
CA LEU B 99 6.16 24.10 3.45
C LEU B 99 6.41 24.34 4.92
N ASN B 100 7.19 25.37 5.27
CA ASN B 100 7.31 25.72 6.69
C ASN B 100 5.99 26.28 7.22
N TRP B 101 5.21 26.96 6.36
CA TRP B 101 3.84 27.27 6.77
C TRP B 101 3.00 26.00 6.91
N LEU B 102 3.08 25.10 5.93
CA LEU B 102 2.20 23.93 5.94
C LEU B 102 2.41 23.07 7.19
N ARG B 103 3.66 22.88 7.61
CA ARG B 103 3.88 22.00 8.76
C ARG B 103 3.41 22.61 10.08
N ARG B 104 3.06 23.88 10.09
CA ARG B 104 2.57 24.54 11.28
C ARG B 104 1.06 24.54 11.37
N GLN B 105 0.36 23.86 10.44
CA GLN B 105 -1.10 23.88 10.42
C GLN B 105 -1.65 22.76 11.31
N PRO B 106 -2.88 22.88 11.78
CA PRO B 106 -3.40 21.91 12.75
C PRO B 106 -3.73 20.55 12.13
N LEU B 107 -3.88 19.55 13.02
CA LEU B 107 -4.47 18.25 12.69
C LEU B 107 -5.97 18.21 12.97
N LEU B 108 -6.47 19.16 13.75
CA LEU B 108 -7.82 19.14 14.27
C LEU B 108 -8.31 20.58 14.38
N GLN B 109 -9.52 20.84 13.89
CA GLN B 109 -10.19 22.14 14.05
C GLN B 109 -11.45 21.95 14.86
N ILE B 110 -11.70 22.83 15.83
CA ILE B 110 -12.91 22.76 16.67
C ILE B 110 -13.53 24.15 16.71
N ASP B 111 -14.84 24.22 16.45
CA ASP B 111 -15.60 25.45 16.57
C ASP B 111 -16.76 25.18 17.53
N GLU B 112 -16.65 25.69 18.75
CA GLU B 112 -17.63 25.41 19.81
C GLU B 112 -18.98 26.05 19.51
N GLU B 113 -18.97 27.25 18.90
CA GLU B 113 -20.23 27.94 18.58
C GLU B 113 -21.01 27.22 17.49
N LYS B 114 -20.31 26.54 16.59
CA LYS B 114 -21.00 25.71 15.60
C LYS B 114 -21.12 24.26 16.04
N LYS B 115 -20.56 23.91 17.19
CA LYS B 115 -20.46 22.50 17.61
C LYS B 115 -19.96 21.65 16.45
N LEU B 116 -18.82 22.04 15.89
CA LEU B 116 -18.31 21.43 14.67
C LEU B 116 -16.86 21.05 14.88
N VAL B 117 -16.51 19.80 14.55
CA VAL B 117 -15.14 19.30 14.65
C VAL B 117 -14.72 18.84 13.25
N MET B 118 -13.48 19.13 12.90
CA MET B 118 -12.94 18.67 11.63
C MET B 118 -11.58 18.01 11.83
N ALA B 119 -11.38 16.86 11.20
CA ALA B 119 -10.07 16.23 11.05
C ALA B 119 -10.04 15.52 9.69
N HIS B 120 -8.84 15.20 9.19
CA HIS B 120 -8.76 14.70 7.81
C HIS B 120 -9.56 13.41 7.64
N ALA B 121 -9.33 12.44 8.54
CA ALA B 121 -9.95 11.13 8.42
C ALA B 121 -11.15 10.94 9.34
N GLY B 122 -11.36 11.85 10.29
CA GLY B 122 -12.44 11.73 11.24
C GLY B 122 -11.92 11.62 12.66
N ILE B 123 -12.74 11.15 13.60
CA ILE B 123 -12.37 11.02 15.01
C ILE B 123 -12.56 9.56 15.41
N THR B 124 -11.47 8.87 15.74
CA THR B 124 -11.65 7.47 16.15
C THR B 124 -12.64 7.42 17.30
N PRO B 125 -13.57 6.44 17.30
CA PRO B 125 -14.50 6.31 18.44
C PRO B 125 -13.79 5.98 19.75
N GLN B 126 -12.50 5.66 19.72
CA GLN B 126 -11.76 5.41 20.95
C GLN B 126 -11.33 6.69 21.67
N TRP B 127 -11.60 7.85 21.09
CA TRP B 127 -11.17 9.14 21.64
C TRP B 127 -12.38 9.95 22.10
N ASP B 128 -12.27 10.58 23.26
CA ASP B 128 -13.15 11.68 23.60
C ASP B 128 -12.51 12.98 23.12
N LEU B 129 -13.21 14.10 23.30
CA LEU B 129 -12.75 15.34 22.69
C LEU B 129 -11.45 15.82 23.33
N GLN B 130 -11.37 15.77 24.65
CA GLN B 130 -10.15 16.16 25.34
C GLN B 130 -8.96 15.34 24.87
N THR B 131 -9.14 14.02 24.68
CA THR B 131 -8.04 13.19 24.21
C THR B 131 -7.66 13.57 22.79
N ALA B 132 -8.65 13.80 21.92
CA ALA B 132 -8.32 14.21 20.55
C ALA B 132 -7.54 15.53 20.57
N LYS B 133 -7.96 16.47 21.42
CA LYS B 133 -7.29 17.77 21.47
C LYS B 133 -5.85 17.60 21.90
N GLU B 134 -5.64 16.80 22.94
CA GLU B 134 -4.29 16.59 23.46
C GLU B 134 -3.41 15.93 22.42
N CYS B 135 -3.95 14.93 21.73
CA CYS B 135 -3.17 14.21 20.73
C CYS B 135 -2.81 15.13 19.56
N ALA B 136 -3.79 15.89 19.05
CA ALA B 136 -3.50 16.87 18.02
C ALA B 136 -2.41 17.82 18.47
N ARG B 137 -2.51 18.33 19.70
CA ARG B 137 -1.51 19.28 20.16
C ARG B 137 -0.13 18.65 20.20
N ASP B 138 -0.02 17.41 20.66
CA ASP B 138 1.30 16.77 20.70
C ASP B 138 1.90 16.64 19.29
N VAL B 139 1.14 16.12 18.32
CA VAL B 139 1.76 15.92 17.00
C VAL B 139 2.02 17.27 16.34
N GLU B 140 1.12 18.25 16.52
CA GLU B 140 1.37 19.58 15.96
C GLU B 140 2.64 20.18 16.56
N ALA B 141 2.89 19.92 17.85
CA ALA B 141 4.13 20.42 18.47
C ALA B 141 5.37 19.82 17.81
N VAL B 142 5.37 18.51 17.51
CA VAL B 142 6.57 18.00 16.85
C VAL B 142 6.67 18.55 15.42
N LEU B 143 5.54 18.66 14.72
CA LEU B 143 5.58 19.07 13.32
C LEU B 143 6.10 20.49 13.17
N SER B 144 5.83 21.34 14.15
CA SER B 144 6.25 22.73 14.10
C SER B 144 7.63 22.95 14.69
N SER B 145 8.28 21.90 15.19
CA SER B 145 9.58 22.06 15.84
C SER B 145 10.71 21.93 14.82
N ASP B 146 11.91 22.35 15.24
CA ASP B 146 13.07 22.26 14.35
C ASP B 146 13.45 20.83 14.02
N SER B 147 12.93 19.87 14.77
CA SER B 147 13.32 18.46 14.53
C SER B 147 12.16 17.67 13.90
N TYR B 148 11.32 18.35 13.10
CA TYR B 148 10.17 17.68 12.45
C TYR B 148 10.61 16.53 11.51
N PRO B 149 11.77 16.60 10.82
CA PRO B 149 12.25 15.49 9.95
C PRO B 149 12.30 14.17 10.71
N PHE B 150 12.82 14.19 11.92
CA PHE B 150 12.93 12.94 12.72
C PHE B 150 11.52 12.38 13.01
N PHE B 151 10.61 13.29 13.34
CA PHE B 151 9.23 12.87 13.66
C PHE B 151 8.54 12.32 12.41
N LEU B 152 8.71 12.99 11.29
CA LEU B 152 8.11 12.51 10.02
C LEU B 152 8.62 11.09 9.74
N ASP B 153 9.92 10.87 9.95
CA ASP B 153 10.49 9.51 9.77
C ASP B 153 9.80 8.56 10.75
N ALA B 154 9.60 9.01 11.99
CA ALA B 154 9.06 8.14 13.02
C ALA B 154 7.56 7.90 12.84
N MET B 155 6.85 8.85 12.21
N MET B 155 6.85 8.83 12.21
CA MET B 155 5.40 8.73 12.04
CA MET B 155 5.40 8.72 12.09
C MET B 155 5.03 7.46 11.29
C MET B 155 5.00 7.53 11.22
N TYR B 156 5.90 6.97 10.42
CA TYR B 156 5.54 5.83 9.56
C TYR B 156 5.44 4.54 10.36
N GLY B 157 4.39 3.78 10.12
CA GLY B 157 4.14 2.53 10.82
C GLY B 157 2.64 2.29 10.94
N ASP B 158 2.28 1.01 11.09
CA ASP B 158 0.87 0.63 11.14
C ASP B 158 0.43 0.14 12.51
N MET B 159 1.32 0.09 13.50
CA MET B 159 1.02 -0.33 14.86
C MET B 159 1.56 0.68 15.85
N PRO B 160 0.94 0.80 17.03
CA PRO B 160 -0.23 0.06 17.48
C PRO B 160 -1.50 0.58 16.82
N ASN B 161 -2.53 -0.26 16.81
CA ASN B 161 -3.84 0.06 16.25
C ASN B 161 -4.93 0.15 17.32
N ASN B 162 -4.54 0.24 18.59
CA ASN B 162 -5.45 0.34 19.71
C ASN B 162 -4.99 1.47 20.60
N TRP B 163 -5.90 2.41 20.89
CA TRP B 163 -5.55 3.54 21.73
C TRP B 163 -5.54 3.13 23.21
N SER B 164 -4.54 3.63 23.93
CA SER B 164 -4.52 3.58 25.38
C SER B 164 -3.84 4.85 25.89
N PRO B 165 -4.36 5.45 26.96
CA PRO B 165 -3.62 6.58 27.58
C PRO B 165 -2.22 6.21 28.05
N GLU B 166 -1.91 4.91 28.16
CA GLU B 166 -0.61 4.40 28.56
C GLU B 166 0.41 4.40 27.44
N LEU B 167 -0.01 4.60 26.20
CA LEU B 167 0.91 4.59 25.08
C LEU B 167 1.99 5.65 25.28
N ARG B 168 3.22 5.31 24.91
CA ARG B 168 4.35 6.22 25.00
C ARG B 168 5.14 6.20 23.70
N GLY B 169 5.96 7.23 23.52
CA GLY B 169 6.95 7.21 22.47
C GLY B 169 6.39 7.02 21.08
N LEU B 170 7.14 6.27 20.26
CA LEU B 170 6.83 6.11 18.83
C LEU B 170 5.46 5.51 18.60
N GLY B 171 5.09 4.49 19.38
CA GLY B 171 3.78 3.88 19.19
C GLY B 171 2.66 4.87 19.40
N ARG B 172 2.80 5.74 20.42
CA ARG B 172 1.79 6.77 20.66
C ARG B 172 1.70 7.74 19.48
N LEU B 173 2.86 8.24 19.03
CA LEU B 173 2.87 9.16 17.90
C LEU B 173 2.28 8.52 16.65
N ARG B 174 2.63 7.26 16.36
CA ARG B 174 2.12 6.57 15.17
C ARG B 174 0.61 6.37 15.25
N PHE B 175 0.10 5.93 16.40
CA PHE B 175 -1.35 5.78 16.50
C PHE B 175 -2.05 7.12 16.27
N ILE B 176 -1.56 8.18 16.91
CA ILE B 176 -2.19 9.49 16.72
C ILE B 176 -2.21 9.87 15.24
N THR B 177 -1.07 9.74 14.56
CA THR B 177 -1.01 10.14 13.15
C THR B 177 -1.96 9.32 12.31
N ASN B 178 -2.01 8.00 12.56
CA ASN B 178 -2.87 7.12 11.78
C ASN B 178 -4.33 7.43 12.02
N ALA B 179 -4.69 7.72 13.27
CA ALA B 179 -6.09 8.03 13.58
C ALA B 179 -6.54 9.31 12.89
N PHE B 180 -5.71 10.36 12.91
CA PHE B 180 -6.15 11.62 12.31
C PHE B 180 -6.10 11.59 10.79
N THR B 181 -5.14 10.87 10.20
CA THR B 181 -4.88 11.05 8.77
C THR B 181 -5.06 9.83 7.90
N ARG B 182 -5.19 8.62 8.45
CA ARG B 182 -5.32 7.45 7.60
C ARG B 182 -6.55 6.59 7.89
N MET B 183 -7.24 6.81 8.99
CA MET B 183 -8.25 5.83 9.37
C MET B 183 -9.46 5.80 8.44
N ARG B 184 -9.97 4.59 8.20
CA ARG B 184 -11.22 4.34 7.50
C ARG B 184 -12.03 3.32 8.30
N PHE B 185 -11.58 2.07 8.27
CA PHE B 185 -12.29 0.99 8.93
C PHE B 185 -11.80 0.70 10.34
N CYS B 186 -12.73 0.23 11.17
CA CYS B 186 -12.44 -0.25 12.51
C CYS B 186 -12.90 -1.68 12.67
N PHE B 187 -12.26 -2.38 13.60
CA PHE B 187 -12.82 -3.62 14.11
C PHE B 187 -13.95 -3.29 15.08
N PRO B 188 -14.80 -4.27 15.39
CA PRO B 188 -15.93 -3.99 16.30
C PRO B 188 -15.52 -3.33 17.60
N ASN B 189 -14.34 -3.64 18.13
CA ASN B 189 -13.88 -3.04 19.39
C ASN B 189 -13.29 -1.64 19.20
N GLY B 190 -13.33 -1.10 17.99
CA GLY B 190 -12.79 0.23 17.73
C GLY B 190 -11.36 0.27 17.26
N GLN B 191 -10.65 -0.85 17.24
CA GLN B 191 -9.26 -0.84 16.82
C GLN B 191 -9.18 -0.55 15.32
N LEU B 192 -8.11 0.14 14.92
CA LEU B 192 -7.96 0.61 13.56
C LEU B 192 -7.54 -0.52 12.60
N ASP B 193 -8.12 -0.53 11.41
CA ASP B 193 -7.58 -1.33 10.31
C ASP B 193 -6.84 -0.42 9.35
N MET B 194 -5.58 -0.74 9.05
CA MET B 194 -4.76 0.18 8.29
C MET B 194 -4.60 -0.22 6.83
N TYR B 195 -5.38 -1.19 6.35
CA TYR B 195 -5.15 -1.74 5.01
C TYR B 195 -6.30 -1.59 4.04
N SER B 196 -7.56 -1.72 4.49
CA SER B 196 -8.69 -1.71 3.58
C SER B 196 -9.10 -0.29 3.22
N LYS B 197 -9.30 -0.03 1.92
CA LYS B 197 -9.70 1.31 1.48
C LYS B 197 -10.95 1.33 0.61
N GLU B 198 -11.67 0.23 0.48
CA GLU B 198 -12.83 0.24 -0.40
C GLU B 198 -14.04 0.75 0.36
N SER B 199 -15.18 0.82 -0.34
CA SER B 199 -16.42 1.27 0.28
C SER B 199 -16.86 0.31 1.37
N PRO B 200 -17.69 0.78 2.31
CA PRO B 200 -18.14 -0.12 3.39
C PRO B 200 -18.76 -1.42 2.89
N GLU B 201 -19.50 -1.37 1.79
CA GLU B 201 -20.20 -2.56 1.30
C GLU B 201 -19.24 -3.62 0.78
N GLU B 202 -18.10 -3.21 0.23
CA GLU B 202 -17.13 -4.11 -0.37
C GLU B 202 -16.02 -4.52 0.59
N ALA B 203 -16.12 -4.17 1.91
CA ALA B 203 -15.00 -4.41 2.80
C ALA B 203 -15.12 -5.79 3.43
N PRO B 204 -14.00 -6.42 3.74
CA PRO B 204 -14.02 -7.75 4.36
C PRO B 204 -14.52 -7.71 5.80
N ALA B 205 -15.20 -8.79 6.19
CA ALA B 205 -15.61 -8.93 7.57
C ALA B 205 -14.37 -9.03 8.47
N PRO B 206 -14.45 -8.52 9.71
CA PRO B 206 -15.57 -7.84 10.36
C PRO B 206 -15.49 -6.29 10.32
N LEU B 207 -14.87 -5.72 9.30
CA LEU B 207 -14.58 -4.29 9.30
C LEU B 207 -15.83 -3.44 9.13
N LYS B 208 -15.92 -2.35 9.90
CA LYS B 208 -16.96 -1.35 9.77
C LYS B 208 -16.38 0.06 9.78
N PRO B 209 -17.06 1.01 9.10
CA PRO B 209 -16.61 2.40 9.16
C PRO B 209 -16.43 2.88 10.60
N TRP B 210 -15.38 3.69 10.81
CA TRP B 210 -15.18 4.32 12.13
C TRP B 210 -16.43 5.01 12.61
N PHE B 211 -17.19 5.63 11.71
CA PHE B 211 -18.35 6.38 12.18
C PHE B 211 -19.56 5.50 12.48
N ALA B 212 -19.51 4.20 12.16
CA ALA B 212 -20.61 3.30 12.50
C ALA B 212 -20.49 2.78 13.91
N ILE B 213 -19.41 3.12 14.61
CA ILE B 213 -19.20 2.75 16.00
C ILE B 213 -19.42 4.00 16.84
N PRO B 214 -20.41 4.01 17.74
CA PRO B 214 -20.69 5.25 18.49
C PRO B 214 -19.47 5.67 19.29
N GLY B 215 -19.15 6.95 19.22
CA GLY B 215 -18.05 7.51 19.97
C GLY B 215 -18.49 8.77 20.67
N PRO B 216 -17.82 9.16 21.74
CA PRO B 216 -18.28 10.31 22.53
C PRO B 216 -18.26 11.63 21.79
N VAL B 217 -17.33 11.84 20.85
CA VAL B 217 -17.29 13.15 20.19
C VAL B 217 -18.58 13.37 19.39
N ALA B 218 -19.03 12.36 18.64
CA ALA B 218 -20.22 12.49 17.82
C ALA B 218 -21.50 12.68 18.64
N GLU B 219 -21.47 12.39 19.95
CA GLU B 219 -22.65 12.63 20.76
C GLU B 219 -22.89 14.11 21.03
N GLU B 220 -21.85 14.95 20.96
CA GLU B 220 -22.01 16.39 21.16
C GLU B 220 -21.69 17.23 19.93
N TYR B 221 -20.94 16.71 18.96
CA TYR B 221 -20.44 17.51 17.83
C TYR B 221 -20.77 16.89 16.49
N SER B 222 -20.95 17.76 15.50
CA SER B 222 -20.86 17.33 14.13
C SER B 222 -19.39 17.10 13.78
N ILE B 223 -19.15 16.14 12.89
CA ILE B 223 -17.78 15.86 12.46
C ILE B 223 -17.74 15.94 10.94
N ALA B 224 -16.86 16.81 10.42
CA ALA B 224 -16.60 16.89 8.99
C ALA B 224 -15.23 16.28 8.72
N PHE B 225 -15.11 15.55 7.61
CA PHE B 225 -13.83 14.91 7.28
C PHE B 225 -13.76 14.71 5.77
N GLY B 226 -12.56 14.37 5.29
CA GLY B 226 -12.37 14.05 3.87
C GLY B 226 -11.81 12.65 3.68
N HIS B 227 -10.70 12.52 2.94
CA HIS B 227 -9.85 11.34 2.96
C HIS B 227 -10.40 10.08 2.28
N TRP B 228 -11.60 9.66 2.65
CA TRP B 228 -12.14 8.35 2.27
C TRP B 228 -12.93 8.47 0.96
N ALA B 229 -12.20 8.52 -0.16
CA ALA B 229 -12.85 8.81 -1.45
C ALA B 229 -13.78 7.69 -1.90
N SER B 230 -13.45 6.41 -1.62
CA SER B 230 -14.34 5.33 -2.04
C SER B 230 -15.68 5.37 -1.32
N LEU B 231 -15.79 6.15 -0.24
CA LEU B 231 -17.08 6.40 0.37
C LEU B 231 -17.97 7.27 -0.52
N GLU B 232 -17.37 8.10 -1.37
CA GLU B 232 -18.10 8.99 -2.29
C GLU B 232 -19.07 9.91 -1.54
N GLY B 233 -18.73 10.29 -0.31
CA GLY B 233 -19.57 11.21 0.42
C GLY B 233 -20.88 10.66 0.91
N LYS B 234 -21.07 9.34 0.82
CA LYS B 234 -22.38 8.73 1.06
C LYS B 234 -22.33 7.78 2.25
N GLY B 235 -23.52 7.43 2.74
CA GLY B 235 -23.67 6.39 3.73
C GLY B 235 -23.31 6.76 5.14
N THR B 236 -23.29 8.09 5.48
CA THR B 236 -22.88 8.48 6.83
C THR B 236 -24.11 8.78 7.70
N PRO B 237 -23.98 8.65 9.01
CA PRO B 237 -25.09 9.01 9.90
C PRO B 237 -25.26 10.52 9.98
N GLU B 238 -26.42 10.93 10.52
CA GLU B 238 -26.68 12.35 10.74
C GLU B 238 -25.60 12.94 11.64
N GLY B 239 -25.12 14.13 11.29
CA GLY B 239 -24.07 14.80 12.00
C GLY B 239 -22.65 14.43 11.57
N ILE B 240 -22.51 13.51 10.60
CA ILE B 240 -21.22 13.08 10.07
C ILE B 240 -21.20 13.46 8.59
N TYR B 241 -20.23 14.30 8.20
CA TYR B 241 -20.14 14.87 6.86
C TYR B 241 -18.86 14.39 6.18
N ALA B 242 -19.01 13.47 5.24
CA ALA B 242 -17.90 12.95 4.45
C ALA B 242 -17.79 13.80 3.19
N LEU B 243 -16.80 14.68 3.13
CA LEU B 243 -16.74 15.71 2.09
C LEU B 243 -15.83 15.35 0.91
N ASP B 244 -15.08 14.25 0.96
CA ASP B 244 -14.18 13.91 -0.15
C ASP B 244 -14.94 13.12 -1.20
N THR B 245 -15.25 13.77 -2.34
CA THR B 245 -16.00 13.10 -3.40
C THR B 245 -15.11 12.84 -4.64
N GLY B 246 -13.81 12.75 -4.41
CA GLY B 246 -12.88 12.21 -5.38
C GLY B 246 -12.53 13.08 -6.56
N CYS B 247 -12.36 14.39 -6.35
CA CYS B 247 -12.18 15.30 -7.47
C CYS B 247 -10.96 14.91 -8.31
N CYS B 248 -9.81 14.70 -7.67
CA CYS B 248 -8.61 14.36 -8.44
C CYS B 248 -8.79 13.07 -9.21
N TRP B 249 -9.71 12.20 -8.79
CA TRP B 249 -9.93 10.92 -9.42
C TRP B 249 -10.96 10.98 -10.55
N GLY B 250 -11.44 12.17 -10.91
CA GLY B 250 -12.50 12.29 -11.88
C GLY B 250 -13.91 12.34 -11.30
N GLY B 251 -14.04 12.46 -9.98
CA GLY B 251 -15.33 12.64 -9.35
C GLY B 251 -15.70 14.10 -9.31
N THR B 252 -16.00 14.64 -8.13
CA THR B 252 -16.40 16.04 -8.00
C THR B 252 -15.70 16.64 -6.79
N LEU B 253 -15.58 17.97 -6.78
CA LEU B 253 -15.19 18.70 -5.58
C LEU B 253 -16.44 19.21 -4.88
N THR B 254 -16.58 18.91 -3.60
CA THR B 254 -17.81 19.22 -2.88
C THR B 254 -17.55 20.33 -1.86
N CYS B 255 -18.48 21.28 -1.82
CA CYS B 255 -18.48 22.37 -0.86
C CYS B 255 -19.80 22.33 -0.09
N LEU B 256 -19.72 22.41 1.23
CA LEU B 256 -20.91 22.47 2.09
C LEU B 256 -20.94 23.82 2.78
N ARG B 257 -22.02 24.57 2.60
CA ARG B 257 -22.21 25.79 3.38
C ARG B 257 -22.91 25.44 4.68
N TRP B 258 -22.29 25.84 5.80
CA TRP B 258 -22.68 25.36 7.12
C TRP B 258 -23.99 25.99 7.59
N GLU B 259 -24.22 27.26 7.26
CA GLU B 259 -25.39 27.96 7.80
C GLU B 259 -26.69 27.26 7.38
N ASP B 260 -26.79 26.82 6.12
CA ASP B 260 -28.01 26.16 5.66
C ASP B 260 -27.80 24.74 5.20
N LYS B 261 -26.63 24.16 5.47
CA LYS B 261 -26.28 22.80 5.04
C LYS B 261 -26.53 22.63 3.54
N GLN B 262 -26.18 23.66 2.77
CA GLN B 262 -26.38 23.60 1.33
C GLN B 262 -25.12 23.13 0.61
N TYR B 263 -25.26 22.16 -0.29
CA TYR B 263 -24.14 21.60 -1.03
C TYR B 263 -23.99 22.26 -2.38
N PHE B 264 -22.75 22.46 -2.80
CA PHE B 264 -22.37 22.97 -4.11
C PHE B 264 -21.30 22.04 -4.65
N VAL B 265 -21.36 21.70 -5.94
CA VAL B 265 -20.50 20.65 -6.46
C VAL B 265 -19.85 21.16 -7.73
N GLN B 266 -18.56 20.86 -7.89
CA GLN B 266 -17.81 21.26 -9.07
C GLN B 266 -17.32 19.99 -9.78
N PRO B 267 -17.74 19.73 -11.02
CA PRO B 267 -17.27 18.52 -11.70
C PRO B 267 -15.77 18.56 -11.93
N SER B 268 -15.14 17.39 -11.85
CA SER B 268 -13.72 17.28 -12.12
C SER B 268 -13.41 17.69 -13.56
N ASN B 269 -12.26 18.36 -13.76
CA ASN B 269 -11.82 18.63 -15.13
C ASN B 269 -11.16 17.41 -15.76
N ARG B 270 -10.70 16.46 -14.95
CA ARG B 270 -10.15 15.20 -15.46
C ARG B 270 -11.16 14.47 -16.35
C29 A1IF9 C . 2.71 -3.58 -4.40
C30 A1IF9 C . 2.03 -2.26 -4.68
C31 A1IF9 C . 0.58 -2.29 -4.17
C32 A1IF9 C . -0.27 -2.07 -5.44
C33 A1IF9 C . 0.72 -1.46 -6.41
C36 A1IF9 C . 0.67 -0.85 -8.87
C37 A1IF9 C . 0.21 -1.49 -10.00
C39 A1IF9 C . -0.12 -2.83 -8.37
C40 A1IF9 C . 0.31 -0.80 -11.22
C42 A1IF9 C . 1.24 0.94 -10.02
N35 A1IF9 C . 0.45 -1.71 -7.83
N38 A1IF9 C . -0.28 -2.75 -9.68
N41 A1IF9 C . 0.84 0.44 -11.20
N43 A1IF9 C . 1.20 0.38 -8.82
N44 A1IF9 C . -0.12 -1.28 -12.40
O16 A1IF9 C . 7.32 -4.81 -1.55
O18 A1IF9 C . 6.36 -6.05 0.42
O19 A1IF9 C . 5.01 -5.79 -1.82
O21 A1IF9 C . 2.95 -4.61 -0.98
O22 A1IF9 C . 2.63 -6.77 -2.19
O24 A1IF9 C . 4.23 -8.46 -3.18
O25 A1IF9 C . 3.42 -6.56 -4.63
O27 A1IF9 C . 3.33 -5.36 -6.81
O28 A1IF9 C . 1.88 -4.62 -4.94
O34 A1IF9 C . 1.98 -2.00 -6.10
O45 A1IF9 C . -1.37 -1.18 -5.21
O46 A1IF9 C . 0.37 -1.27 -3.20
O47 A1IF9 C . 1.35 -6.78 -6.03
O48 A1IF9 C . 1.95 -8.47 -3.95
O49 A1IF9 C . 3.63 -6.63 0.14
O50 A1IF9 C . 7.11 -7.19 -1.66
P17 A1IF9 C . 6.47 -5.96 -1.17
P20 A1IF9 C . 3.55 -5.94 -1.17
P23 A1IF9 C . 3.07 -7.61 -3.48
P26 A1IF9 C . 2.47 -5.87 -5.73
H7 A1IF9 C . 2.85 -3.73 -3.44
H8 A1IF9 C . 3.60 -3.62 -4.82
H9 A1IF9 C . 2.52 -1.51 -4.29
H10 A1IF9 C . 0.34 -3.15 -3.78
H11 A1IF9 C . -0.61 -2.95 -5.71
H12 A1IF9 C . 0.72 -0.49 -6.32
H13 A1IF9 C . -0.36 -3.59 -7.81
H14 A1IF9 C . 1.62 1.85 -10.05
H17 A1IF9 C . -0.49 -2.08 -12.40
H18 A1IF9 C . -0.02 -0.77 -13.11
H21 A1IF9 C . -2.02 -1.61 -5.53
H22 A1IF9 C . 1.05 -1.32 -2.69
MN MN D . 2.28 -10.63 -5.66
MG MG E . 2.29 -10.62 -5.67
MN MN F . 5.22 -10.77 -4.29
N1 EPE G . 10.41 5.89 4.57
C2 EPE G . 11.86 5.65 4.61
C3 EPE G . 12.09 4.68 5.76
N4 EPE G . 11.58 5.18 7.03
C5 EPE G . 10.30 5.89 7.02
C6 EPE G . 10.04 6.69 5.74
C7 EPE G . 11.93 4.44 8.25
C8 EPE G . 13.24 3.66 8.16
O8 EPE G . 14.28 4.29 8.89
C9 EPE G . 10.04 6.50 3.29
C10 EPE G . 10.03 5.36 2.27
S EPE G . 9.93 5.87 0.54
O1S EPE G . 11.00 6.80 0.21
O2S EPE G . 10.07 4.71 -0.34
O3S EPE G . 8.61 6.50 0.36
H21 EPE G . 12.40 6.58 4.77
H22 EPE G . 12.21 5.22 3.67
H31 EPE G . 13.16 4.49 5.85
H32 EPE G . 11.60 3.73 5.52
H51 EPE G . 10.28 6.56 7.87
H52 EPE G . 9.51 5.16 7.14
H61 EPE G . 10.62 7.61 5.76
H62 EPE G . 8.99 6.96 5.69
H71 EPE G . 11.11 3.75 8.48
H72 EPE G . 12.00 5.15 9.08
H81 EPE G . 13.54 3.59 7.11
H82 EPE G . 13.08 2.66 8.53
HO8 EPE G . 14.20 4.04 9.84
H91 EPE G . 9.06 6.97 3.35
H92 EPE G . 10.76 7.27 2.99
H101 EPE G . 10.93 4.77 2.41
H102 EPE G . 9.17 4.71 2.49
C29 A1IF9 H . -7.11 5.24 -1.83
C30 A1IF9 H . -7.44 4.26 -2.91
C31 A1IF9 H . -6.71 4.62 -4.21
C32 A1IF9 H . -7.84 4.98 -5.19
C33 A1IF9 H . -9.08 4.33 -4.56
C36 A1IF9 H . -11.57 4.56 -5.04
C37 A1IF9 H . -12.39 5.64 -5.28
C39 A1IF9 H . -10.44 6.44 -4.97
C40 A1IF9 H . -13.74 5.39 -5.55
C42 A1IF9 H . -13.24 3.14 -5.30
N35 A1IF9 H . -10.31 5.08 -4.84
N38 A1IF9 H . -11.66 6.83 -5.24
N41 A1IF9 H . -14.14 4.09 -5.55
N43 A1IF9 H . -11.93 3.27 -5.03
N44 A1IF9 H . -14.64 6.34 -5.82
O16 A1IF9 H . -5.08 5.42 3.75
O18 A1IF9 H . -4.19 7.73 3.66
O19 A1IF9 H . -4.52 6.32 1.45
O21 A1IF9 H . -2.31 7.23 0.64
O22 A1IF9 H . -4.41 7.81 -0.66
O24 A1IF9 H . -5.38 9.09 1.26
O25 A1IF9 H . -6.97 7.81 -0.23
O27 A1IF9 H . -7.92 8.96 -2.25
O28 A1IF9 H . -7.38 6.55 -2.37
O34 A1IF9 H . -8.86 4.31 -3.17
O45 A1IF9 H . -7.60 4.49 -6.50
O46 A1IF9 H . -5.92 3.52 -4.65
O47 A1IF9 H . -9.31 7.25 -0.97
O48 A1IF9 H . -5.83 9.90 -0.96
O49 A1IF9 H . -3.39 5.53 -0.69
O50 A1IF9 H . -2.76 5.75 3.18
P17 A1IF9 H . -4.13 6.27 3.00
P20 A1IF9 H . -3.61 6.71 0.17
P23 A1IF9 H . -5.65 8.68 -0.15
P26 A1IF9 H . -8.00 7.70 -1.46
H7 A1IF9 H . -6.17 5.19 -1.55
H8 A1IF9 H . -7.67 5.11 -1.03
H9 A1IF9 H . -7.24 3.32 -2.66
H10 A1IF9 H . -6.14 5.40 -4.12
H11 A1IF9 H . -7.91 5.95 -5.22
H12 A1IF9 H . -9.22 3.42 -4.90
H13 A1IF9 H . -9.66 7.02 -4.86
H14 A1IF9 H . -13.57 2.21 -5.31
H17 A1IF9 H . -14.36 7.18 -5.82
H18 A1IF9 H . -15.47 6.09 -5.98
H21 A1IF9 H . -6.90 4.91 -6.73
H22 A1IF9 H . -6.39 3.17 -5.26
MN MN I . -7.33 12.26 -0.17
MG MG J . -7.31 12.24 -0.21
MN MN K . -6.26 11.27 2.75
#